data_7QVS
#
_entry.id   7QVS
#
_cell.length_a   88.770
_cell.length_b   88.770
_cell.length_c   174.247
_cell.angle_alpha   90.000
_cell.angle_beta   90.000
_cell.angle_gamma   90.000
#
_symmetry.space_group_name_H-M   'P 41 2 2'
#
loop_
_entity.id
_entity.type
_entity.pdbx_description
1 polymer 'NAD kinase'
2 non-polymer 'PHOSPHATE ION'
3 non-polymer 'NADP NICOTINAMIDE-ADENINE-DINUCLEOTIDE PHOSPHATE'
4 water water
#
_entity_poly.entity_id   1
_entity_poly.type   'polypeptide(L)'
_entity_poly.pdbx_seq_one_letter_code
;MEPFRNIGIIGRLGSTQVLDTIRRLKKFLIDRHLHVILEDTIAEVLPGHGLQTCSRKIMGEICDLVVVVGGDGSMLGAAR
ALARHKVPVLGINRGSLGFLTDIRPDELEAKVGEVLDGQYIVESRFLLDAQVRRGIDSMGQGDALNDVVLHPGKSTRMIE
FELYIDGQFVCSQKADGLIVATPTGSTAYALSAGGPIMHPKLDAIVIVPMYPHMLSSRPIVVDGNSELKIVVSPNMQIYP
QVSCDGQNHFTCAPGDTVTISKKPQKLRLIHPIDHNYYEICRTKLGWGSRLGGGDLEHHHHHH
;
_entity_poly.pdbx_strand_id   A,B
#
# COMPACT_ATOMS: atom_id res chain seq x y z
N PRO A 3 -26.15 0.46 36.85
CA PRO A 3 -25.13 -0.13 37.74
C PRO A 3 -24.42 -1.30 37.09
N PHE A 4 -23.09 -1.19 37.00
CA PHE A 4 -22.26 -2.20 36.35
C PHE A 4 -22.03 -3.36 37.32
N ARG A 5 -22.65 -4.50 37.03
CA ARG A 5 -22.51 -5.69 37.84
C ARG A 5 -21.63 -6.74 37.19
N ASN A 6 -21.84 -7.01 35.90
CA ASN A 6 -21.14 -8.07 35.20
C ASN A 6 -20.16 -7.46 34.21
N ILE A 7 -18.87 -7.73 34.41
CA ILE A 7 -17.80 -7.09 33.66
C ILE A 7 -17.06 -8.14 32.84
N GLY A 8 -17.04 -7.96 31.53
CA GLY A 8 -16.20 -8.76 30.67
C GLY A 8 -14.83 -8.14 30.42
N ILE A 9 -13.86 -8.99 30.11
CA ILE A 9 -12.50 -8.58 29.81
C ILE A 9 -12.11 -9.19 28.47
N ILE A 10 -11.69 -8.34 27.54
CA ILE A 10 -11.15 -8.73 26.24
C ILE A 10 -9.73 -8.20 26.13
N GLY A 11 -8.80 -9.05 25.75
CA GLY A 11 -7.43 -8.62 25.56
C GLY A 11 -6.79 -9.27 24.35
N ARG A 12 -6.01 -8.51 23.60
CA ARG A 12 -5.30 -9.06 22.44
C ARG A 12 -4.01 -9.71 22.93
N LEU A 13 -3.94 -11.04 22.83
CA LEU A 13 -2.84 -11.82 23.34
C LEU A 13 -1.52 -11.43 22.67
N GLY A 14 -0.41 -11.82 23.30
CA GLY A 14 0.91 -11.56 22.76
C GLY A 14 1.82 -10.80 23.70
N SER A 15 1.47 -9.55 24.02
CA SER A 15 2.30 -8.74 24.89
C SER A 15 2.28 -9.27 26.32
N THR A 16 3.45 -9.33 26.94
CA THR A 16 3.54 -9.77 28.33
C THR A 16 2.93 -8.75 29.27
N GLN A 17 3.15 -7.46 29.02
CA GLN A 17 2.59 -6.41 29.86
C GLN A 17 1.07 -6.41 29.80
N VAL A 18 0.50 -6.78 28.64
CA VAL A 18 -0.96 -6.92 28.56
C VAL A 18 -1.45 -7.98 29.53
N LEU A 19 -0.72 -9.08 29.64
CA LEU A 19 -1.11 -10.16 30.54
C LEU A 19 -1.10 -9.71 32.00
N ASP A 20 -0.11 -8.89 32.38
CA ASP A 20 -0.08 -8.37 33.75
C ASP A 20 -1.24 -7.41 34.00
N THR A 21 -1.50 -6.52 33.03
CA THR A 21 -2.59 -5.56 33.18
C THR A 21 -3.92 -6.27 33.38
N ILE A 22 -4.11 -7.42 32.73
CA ILE A 22 -5.35 -8.17 32.94
C ILE A 22 -5.39 -8.76 34.35
N ARG A 23 -4.24 -9.14 34.91
CA ARG A 23 -4.23 -9.64 36.28
C ARG A 23 -4.58 -8.55 37.27
N ARG A 24 -4.02 -7.35 37.10
CA ARG A 24 -4.39 -6.24 37.97
C ARG A 24 -5.86 -5.88 37.83
N LEU A 25 -6.37 -5.91 36.60
CA LEU A 25 -7.77 -5.56 36.40
C LEU A 25 -8.68 -6.60 37.03
N LYS A 26 -8.30 -7.88 36.94
CA LYS A 26 -9.06 -8.94 37.57
C LYS A 26 -9.17 -8.72 39.08
N LYS A 27 -8.03 -8.57 39.76
CA LYS A 27 -8.05 -8.37 41.20
C LYS A 27 -8.91 -7.17 41.57
N PHE A 28 -8.80 -6.09 40.79
CA PHE A 28 -9.50 -4.86 41.11
C PHE A 28 -11.02 -5.05 41.09
N LEU A 29 -11.52 -5.70 40.04
CA LEU A 29 -12.98 -5.87 39.92
C LEU A 29 -13.52 -6.86 40.95
N ILE A 30 -12.77 -7.92 41.23
CA ILE A 30 -13.26 -8.89 42.21
C ILE A 30 -13.26 -8.28 43.61
N ASP A 31 -12.27 -7.42 43.92
CA ASP A 31 -12.23 -6.75 45.21
C ASP A 31 -13.39 -5.78 45.41
N ARG A 32 -14.01 -5.30 44.33
CA ARG A 32 -15.26 -4.53 44.39
C ARG A 32 -16.46 -5.43 44.40
N HIS A 33 -16.27 -6.73 44.60
CA HIS A 33 -17.41 -7.67 44.68
C HIS A 33 -18.22 -7.63 43.34
N LEU A 34 -17.53 -7.61 42.22
CA LEU A 34 -18.29 -7.66 40.97
C LEU A 34 -18.01 -8.97 40.26
N HIS A 35 -18.97 -9.38 39.45
CA HIS A 35 -18.87 -10.58 38.66
C HIS A 35 -18.03 -10.39 37.39
N VAL A 36 -16.87 -11.00 37.32
CA VAL A 36 -15.97 -10.88 36.18
C VAL A 36 -16.20 -12.03 35.23
N ILE A 37 -16.18 -11.75 33.93
CA ILE A 37 -16.39 -12.77 32.89
C ILE A 37 -15.26 -12.68 31.88
N LEU A 38 -14.54 -13.78 31.69
CA LEU A 38 -13.35 -13.81 30.84
C LEU A 38 -13.68 -14.36 29.46
N GLU A 39 -13.14 -13.70 28.43
CA GLU A 39 -13.30 -14.21 27.07
C GLU A 39 -12.57 -15.53 26.90
N ASP A 40 -13.19 -16.45 26.16
CA ASP A 40 -12.72 -17.83 26.01
C ASP A 40 -11.20 -17.95 25.90
N THR A 41 -10.59 -17.19 24.98
CA THR A 41 -9.17 -17.36 24.70
C THR A 41 -8.29 -16.77 25.79
N ILE A 42 -8.75 -15.70 26.39
CA ILE A 42 -8.00 -15.03 27.41
C ILE A 42 -7.86 -15.90 28.66
N ALA A 43 -8.94 -16.56 28.99
CA ALA A 43 -8.99 -17.48 30.13
C ALA A 43 -8.02 -18.64 29.92
N GLU A 44 -7.93 -19.14 28.68
CA GLU A 44 -7.00 -20.23 28.38
C GLU A 44 -5.54 -19.79 28.50
N VAL A 45 -5.27 -18.48 28.48
CA VAL A 45 -3.90 -18.00 28.62
C VAL A 45 -3.47 -17.90 30.09
N LEU A 46 -4.41 -17.91 31.04
CA LEU A 46 -4.08 -17.77 32.46
C LEU A 46 -4.99 -18.68 33.29
N PRO A 47 -4.66 -19.96 33.36
CA PRO A 47 -5.54 -20.92 34.04
C PRO A 47 -5.45 -20.83 35.56
N GLY A 48 -6.53 -21.25 36.20
CA GLY A 48 -6.70 -21.12 37.63
C GLY A 48 -7.58 -19.97 38.04
N HIS A 49 -8.14 -19.22 37.08
CA HIS A 49 -8.89 -18.01 37.40
C HIS A 49 -10.17 -18.33 38.15
N GLY A 50 -10.83 -19.45 37.79
CA GLY A 50 -12.08 -19.81 38.40
C GLY A 50 -13.24 -18.88 38.13
N LEU A 51 -13.21 -18.14 37.02
CA LEU A 51 -14.27 -17.20 36.68
C LEU A 51 -15.06 -17.71 35.48
N GLN A 52 -16.32 -17.28 35.39
CA GLN A 52 -17.14 -17.60 34.23
C GLN A 52 -16.45 -17.15 32.95
N THR A 53 -16.53 -17.98 31.92
CA THR A 53 -15.98 -17.64 30.62
C THR A 53 -17.08 -17.70 29.56
N CYS A 54 -16.82 -17.01 28.45
CA CYS A 54 -17.76 -16.99 27.32
C CYS A 54 -17.01 -16.57 26.07
N SER A 55 -17.69 -16.70 24.94
CA SER A 55 -17.10 -16.35 23.66
C SER A 55 -17.07 -14.85 23.46
N ARG A 56 -16.28 -14.39 22.53
CA ARG A 56 -16.28 -12.98 22.23
C ARG A 56 -17.63 -12.64 21.69
N LYS A 57 -18.19 -13.54 20.89
CA LYS A 57 -19.43 -13.23 20.19
C LYS A 57 -20.60 -13.08 21.14
N ILE A 58 -20.58 -13.78 22.26
CA ILE A 58 -21.69 -13.68 23.19
C ILE A 58 -21.44 -12.79 24.39
N MET A 59 -20.21 -12.35 24.58
CA MET A 59 -19.89 -11.52 25.73
C MET A 59 -20.87 -10.36 25.89
N GLY A 60 -21.37 -9.81 24.78
CA GLY A 60 -22.31 -8.71 24.87
C GLY A 60 -23.70 -9.11 25.31
N GLU A 61 -24.05 -10.39 25.24
CA GLU A 61 -25.37 -10.83 25.68
C GLU A 61 -25.48 -10.93 27.19
N ILE A 62 -24.36 -10.92 27.93
CA ILE A 62 -24.37 -11.23 29.35
C ILE A 62 -23.59 -10.23 30.19
N CYS A 63 -23.02 -9.17 29.61
CA CYS A 63 -22.18 -8.24 30.35
C CYS A 63 -22.81 -6.87 30.39
N ASP A 64 -22.68 -6.19 31.53
CA ASP A 64 -23.10 -4.79 31.61
C ASP A 64 -22.06 -3.86 31.02
N LEU A 65 -20.79 -4.28 31.05
CA LEU A 65 -19.67 -3.46 30.66
C LEU A 65 -18.54 -4.40 30.28
N VAL A 66 -17.80 -4.05 29.22
CA VAL A 66 -16.62 -4.79 28.80
C VAL A 66 -15.41 -3.87 28.84
N VAL A 67 -14.34 -4.34 29.47
CA VAL A 67 -13.08 -3.62 29.51
C VAL A 67 -12.11 -4.28 28.54
N VAL A 68 -11.50 -3.48 27.68
CA VAL A 68 -10.61 -3.99 26.63
C VAL A 68 -9.19 -3.55 26.93
N VAL A 69 -8.29 -4.51 27.00
CA VAL A 69 -6.87 -4.26 27.22
C VAL A 69 -6.13 -4.47 25.90
N GLY A 70 -5.19 -3.59 25.60
CA GLY A 70 -4.34 -3.81 24.46
C GLY A 70 -4.39 -2.79 23.33
N GLY A 71 -4.92 -1.60 23.58
CA GLY A 71 -4.80 -0.52 22.61
C GLY A 71 -5.85 -0.46 21.52
N ASP A 72 -5.62 0.49 20.60
CA ASP A 72 -6.62 0.83 19.57
C ASP A 72 -6.93 -0.37 18.68
N GLY A 73 -5.90 -1.06 18.20
CA GLY A 73 -6.14 -2.22 17.35
C GLY A 73 -7.01 -3.27 18.02
N SER A 74 -6.80 -3.48 19.32
CA SER A 74 -7.59 -4.44 20.08
C SER A 74 -9.02 -3.94 20.34
N MET A 75 -9.21 -2.64 20.33
CA MET A 75 -10.51 -2.07 20.47
C MET A 75 -11.36 -2.37 19.26
N LEU A 76 -10.78 -2.49 18.07
CA LEU A 76 -11.55 -2.75 16.86
C LEU A 76 -12.27 -4.11 16.91
N GLY A 77 -11.53 -5.18 17.24
CA GLY A 77 -12.15 -6.49 17.40
C GLY A 77 -13.22 -6.53 18.47
N ALA A 78 -12.98 -5.86 19.59
CA ALA A 78 -13.99 -5.77 20.65
C ALA A 78 -15.26 -5.10 20.13
N ALA A 79 -15.09 -3.96 19.44
CA ALA A 79 -16.23 -3.19 18.95
C ALA A 79 -17.07 -4.00 17.97
N ARG A 80 -16.42 -4.81 17.11
CA ARG A 80 -17.18 -5.61 16.15
C ARG A 80 -18.04 -6.66 16.85
N ALA A 81 -17.59 -7.21 17.97
CA ALA A 81 -18.41 -8.18 18.68
C ALA A 81 -19.53 -7.49 19.49
N LEU A 82 -19.23 -6.35 20.10
CA LEU A 82 -20.14 -5.80 21.11
C LEU A 82 -21.11 -4.76 20.56
N ALA A 83 -20.89 -4.24 19.36
CA ALA A 83 -21.76 -3.19 18.85
C ALA A 83 -23.19 -3.68 18.69
N ARG A 84 -23.37 -4.90 18.21
CA ARG A 84 -24.70 -5.46 18.07
C ARG A 84 -25.39 -5.72 19.41
N HIS A 85 -24.69 -5.64 20.53
CA HIS A 85 -25.29 -5.92 21.83
C HIS A 85 -25.58 -4.67 22.65
N LYS A 86 -25.23 -3.48 22.17
CA LYS A 86 -25.42 -2.25 22.92
C LYS A 86 -24.73 -2.30 24.28
N VAL A 87 -23.59 -2.99 24.39
CA VAL A 87 -22.87 -3.09 25.65
C VAL A 87 -21.71 -2.08 25.62
N PRO A 88 -21.62 -1.17 26.59
CA PRO A 88 -20.55 -0.16 26.55
C PRO A 88 -19.17 -0.79 26.77
N VAL A 89 -18.19 -0.19 26.10
CA VAL A 89 -16.82 -0.66 26.04
C VAL A 89 -15.88 0.39 26.60
N LEU A 90 -14.89 -0.03 27.38
CA LEU A 90 -13.90 0.84 27.99
C LEU A 90 -12.51 0.31 27.69
N GLY A 91 -11.64 1.16 27.16
CA GLY A 91 -10.31 0.76 26.71
C GLY A 91 -9.20 1.16 27.67
N ILE A 92 -8.20 0.29 27.79
CA ILE A 92 -6.98 0.56 28.55
C ILE A 92 -5.80 0.53 27.58
N ASN A 93 -4.98 1.58 27.60
CA ASN A 93 -3.79 1.69 26.77
C ASN A 93 -2.84 0.51 26.98
N ARG A 94 -2.02 0.24 25.95
CA ARG A 94 -0.83 -0.57 26.12
C ARG A 94 0.34 0.20 26.71
N GLY A 95 0.25 1.53 26.76
CA GLY A 95 1.28 2.38 27.31
C GLY A 95 1.02 3.84 26.94
N SER A 96 0.83 4.09 25.66
CA SER A 96 0.56 5.42 25.15
C SER A 96 -0.93 5.57 24.83
N LEU A 97 -1.43 6.78 24.95
CA LEU A 97 -2.85 7.00 24.72
C LEU A 97 -3.19 6.80 23.24
N GLY A 98 -4.48 6.53 23.01
CA GLY A 98 -4.97 6.22 21.68
C GLY A 98 -6.27 6.96 21.40
N PHE A 99 -6.75 6.78 20.17
CA PHE A 99 -8.00 7.41 19.79
C PHE A 99 -9.21 6.68 20.38
N LEU A 100 -9.02 5.45 20.87
CA LEU A 100 -10.09 4.69 21.47
C LEU A 100 -9.88 4.33 22.93
N THR A 101 -8.68 4.47 23.46
CA THR A 101 -8.37 4.12 24.85
C THR A 101 -7.70 5.32 25.52
N ASP A 102 -8.24 5.76 26.65
CA ASP A 102 -7.67 6.92 27.37
C ASP A 102 -7.19 6.51 28.79
N ILE A 103 -7.03 5.23 29.07
CA ILE A 103 -6.68 4.77 30.42
C ILE A 103 -5.31 4.13 30.39
N ARG A 104 -4.32 4.79 30.97
CA ARG A 104 -3.01 4.17 31.15
C ARG A 104 -3.11 3.02 32.14
N PRO A 105 -2.39 1.92 31.89
CA PRO A 105 -2.32 0.85 32.91
C PRO A 105 -1.81 1.34 34.24
N ASP A 106 -1.01 2.40 34.22
CA ASP A 106 -0.60 3.08 35.44
C ASP A 106 -1.79 3.51 36.29
N GLU A 107 -2.87 3.97 35.66
CA GLU A 107 -4.00 4.59 36.33
C GLU A 107 -5.25 3.72 36.28
N LEU A 108 -5.08 2.41 36.05
CA LEU A 108 -6.17 1.47 35.94
C LEU A 108 -7.18 1.60 37.08
N GLU A 109 -6.72 1.40 38.33
CA GLU A 109 -7.67 1.35 39.44
C GLU A 109 -8.39 2.67 39.63
N ALA A 110 -7.69 3.80 39.54
CA ALA A 110 -8.35 5.09 39.68
C ALA A 110 -9.34 5.34 38.54
N LYS A 111 -8.93 5.08 37.29
CA LYS A 111 -9.80 5.46 36.18
C LYS A 111 -10.97 4.51 36.01
N VAL A 112 -10.75 3.20 36.11
CA VAL A 112 -11.87 2.27 36.01
C VAL A 112 -12.79 2.42 37.23
N GLY A 113 -12.21 2.71 38.40
CA GLY A 113 -13.03 2.98 39.57
C GLY A 113 -13.99 4.14 39.36
N GLU A 114 -13.48 5.24 38.80
CA GLU A 114 -14.33 6.40 38.52
C GLU A 114 -15.47 6.02 37.60
N VAL A 115 -15.18 5.27 36.54
CA VAL A 115 -16.23 4.86 35.62
C VAL A 115 -17.25 3.98 36.34
N LEU A 116 -16.77 2.98 37.09
CA LEU A 116 -17.68 2.12 37.84
C LEU A 116 -18.48 2.91 38.87
N ASP A 117 -17.89 3.97 39.44
CA ASP A 117 -18.58 4.80 40.41
C ASP A 117 -19.50 5.80 39.75
N GLY A 118 -19.78 5.67 38.46
CA GLY A 118 -20.77 6.49 37.80
C GLY A 118 -20.27 7.78 37.18
N GLN A 119 -18.98 7.94 37.01
CA GLN A 119 -18.40 9.17 36.48
C GLN A 119 -17.71 8.87 35.15
N TYR A 120 -18.36 9.24 34.04
CA TYR A 120 -17.81 8.86 32.75
C TYR A 120 -18.44 9.69 31.65
N ILE A 121 -17.82 9.62 30.48
CA ILE A 121 -18.32 10.13 29.22
C ILE A 121 -18.70 8.94 28.37
N VAL A 122 -19.84 9.03 27.69
CA VAL A 122 -20.25 7.98 26.77
C VAL A 122 -20.65 8.61 25.44
N GLU A 123 -20.15 8.03 24.35
CA GLU A 123 -20.46 8.47 23.00
C GLU A 123 -20.67 7.23 22.14
N SER A 124 -21.25 7.41 20.96
CA SER A 124 -21.42 6.29 20.06
C SER A 124 -20.60 6.50 18.79
N ARG A 125 -20.17 5.41 18.20
CA ARG A 125 -19.37 5.44 16.98
C ARG A 125 -20.01 4.47 16.00
N PHE A 126 -20.21 4.90 14.76
CA PHE A 126 -20.78 3.94 13.83
C PHE A 126 -19.68 3.12 13.16
N LEU A 127 -20.11 1.98 12.64
CA LEU A 127 -19.29 0.99 11.97
C LEU A 127 -19.76 0.84 10.52
N LEU A 128 -18.88 0.27 9.71
CA LEU A 128 -19.22 -0.10 8.35
C LEU A 128 -19.61 -1.57 8.28
N ASP A 129 -20.40 -1.87 7.27
CA ASP A 129 -20.84 -3.21 6.93
C ASP A 129 -20.41 -3.46 5.49
N ALA A 130 -19.54 -4.44 5.28
CA ALA A 130 -19.01 -4.76 3.95
C ALA A 130 -19.57 -6.11 3.50
N GLN A 131 -20.07 -6.14 2.27
CA GLN A 131 -20.63 -7.36 1.69
C GLN A 131 -20.03 -7.57 0.31
N VAL A 132 -19.33 -8.67 0.14
CA VAL A 132 -18.81 -9.11 -1.16
C VAL A 132 -19.88 -9.93 -1.87
N ARG A 133 -20.05 -9.68 -3.16
CA ARG A 133 -21.01 -10.45 -3.96
C ARG A 133 -20.37 -10.87 -5.27
N ARG A 134 -20.70 -12.08 -5.71
CA ARG A 134 -20.32 -12.59 -7.02
C ARG A 134 -21.62 -12.77 -7.79
N GLY A 135 -21.98 -11.76 -8.59
CA GLY A 135 -23.31 -11.69 -9.15
C GLY A 135 -24.31 -11.40 -8.07
N ILE A 136 -25.24 -12.33 -7.84
CA ILE A 136 -26.24 -12.20 -6.79
C ILE A 136 -25.99 -13.17 -5.65
N ASP A 137 -24.79 -13.74 -5.56
CA ASP A 137 -24.44 -14.66 -4.48
C ASP A 137 -23.53 -13.95 -3.48
N SER A 138 -23.77 -14.19 -2.19
CA SER A 138 -22.98 -13.54 -1.15
C SER A 138 -21.70 -14.32 -0.89
N MET A 139 -20.57 -13.63 -0.97
CA MET A 139 -19.24 -14.21 -0.85
C MET A 139 -18.46 -13.65 0.34
N GLY A 140 -19.15 -13.33 1.44
CA GLY A 140 -18.41 -12.85 2.59
C GLY A 140 -18.90 -11.51 3.13
N GLN A 141 -19.10 -11.44 4.43
CA GLN A 141 -19.59 -10.25 5.11
C GLN A 141 -18.72 -9.98 6.33
N GLY A 142 -18.36 -8.72 6.53
CA GLY A 142 -17.63 -8.30 7.71
C GLY A 142 -17.94 -6.86 8.06
N ASP A 143 -18.01 -6.59 9.37
CA ASP A 143 -18.13 -5.23 9.89
C ASP A 143 -16.74 -4.64 10.08
N ALA A 144 -16.67 -3.32 10.29
CA ALA A 144 -15.42 -2.62 10.57
C ALA A 144 -15.69 -1.33 11.32
N LEU A 145 -14.95 -1.11 12.41
CA LEU A 145 -15.02 0.17 13.12
C LEU A 145 -14.17 1.25 12.44
N ASN A 146 -12.99 0.87 11.92
CA ASN A 146 -12.06 1.79 11.24
C ASN A 146 -12.37 1.87 9.75
N ASP A 147 -12.19 0.75 9.02
CA ASP A 147 -12.07 0.85 7.57
C ASP A 147 -12.31 -0.50 6.89
N VAL A 148 -12.79 -0.39 5.64
CA VAL A 148 -12.85 -1.49 4.68
C VAL A 148 -11.85 -1.13 3.59
N VAL A 149 -10.90 -2.03 3.32
CA VAL A 149 -9.78 -1.70 2.45
C VAL A 149 -9.71 -2.74 1.33
N LEU A 150 -9.79 -2.28 0.09
CA LEU A 150 -9.55 -3.11 -1.08
C LEU A 150 -8.08 -2.96 -1.47
N HIS A 151 -7.36 -4.07 -1.57
CA HIS A 151 -5.93 -4.00 -1.86
C HIS A 151 -5.51 -5.26 -2.61
N PRO A 152 -4.28 -5.30 -3.14
CA PRO A 152 -3.88 -6.46 -3.96
C PRO A 152 -3.43 -7.70 -3.20
N GLY A 153 -3.46 -7.71 -1.87
CA GLY A 153 -3.00 -8.89 -1.15
C GLY A 153 -1.51 -9.07 -1.33
N LYS A 154 -1.09 -10.28 -1.72
CA LYS A 154 0.33 -10.55 -1.97
C LYS A 154 0.81 -10.02 -3.31
N SER A 155 -0.10 -9.65 -4.21
CA SER A 155 0.33 -9.13 -5.50
C SER A 155 0.94 -7.76 -5.35
N THR A 156 1.92 -7.46 -6.20
CA THR A 156 2.54 -6.14 -6.25
C THR A 156 1.94 -5.23 -7.31
N ARG A 157 1.01 -5.74 -8.12
CA ARG A 157 0.47 -4.94 -9.20
C ARG A 157 -0.61 -3.99 -8.70
N MET A 158 -0.80 -2.93 -9.46
CA MET A 158 -1.95 -2.08 -9.26
CA MET A 158 -1.96 -2.08 -9.26
C MET A 158 -3.23 -2.84 -9.62
N ILE A 159 -4.31 -2.49 -8.94
CA ILE A 159 -5.60 -3.08 -9.22
C ILE A 159 -6.51 -2.00 -9.84
N GLU A 160 -7.47 -2.46 -10.62
CA GLU A 160 -8.36 -1.58 -11.34
C GLU A 160 -9.77 -1.80 -10.80
N PHE A 161 -10.49 -0.70 -10.50
CA PHE A 161 -11.85 -0.79 -9.96
C PHE A 161 -12.69 0.42 -10.33
N GLU A 162 -14.01 0.26 -10.20
CA GLU A 162 -14.97 1.34 -10.36
C GLU A 162 -15.63 1.64 -9.02
N LEU A 163 -16.03 2.90 -8.84
CA LEU A 163 -16.67 3.34 -7.62
C LEU A 163 -18.05 3.87 -7.94
N TYR A 164 -19.05 3.42 -7.17
CA TYR A 164 -20.42 3.90 -7.26
C TYR A 164 -20.85 4.34 -5.88
N ILE A 165 -21.59 5.44 -5.81
CA ILE A 165 -22.18 5.94 -4.58
C ILE A 165 -23.68 6.12 -4.81
N ASP A 166 -24.48 5.39 -4.04
CA ASP A 166 -25.93 5.32 -4.22
C ASP A 166 -26.28 4.99 -5.66
N GLY A 167 -25.51 4.07 -6.26
CA GLY A 167 -25.78 3.63 -7.62
C GLY A 167 -25.31 4.56 -8.71
N GLN A 168 -24.71 5.70 -8.37
CA GLN A 168 -24.21 6.64 -9.37
C GLN A 168 -22.72 6.39 -9.57
N PHE A 169 -22.33 6.20 -10.83
CA PHE A 169 -20.94 6.02 -11.22
C PHE A 169 -20.11 7.25 -10.87
N VAL A 170 -19.03 7.04 -10.13
CA VAL A 170 -18.11 8.14 -9.78
C VAL A 170 -16.91 8.14 -10.70
N CYS A 171 -16.19 7.01 -10.75
CA CYS A 171 -15.00 6.92 -11.59
C CYS A 171 -14.50 5.48 -11.54
N SER A 172 -13.63 5.17 -12.48
CA SER A 172 -12.79 3.99 -12.39
C SER A 172 -11.35 4.44 -12.31
N GLN A 173 -10.52 3.64 -11.67
CA GLN A 173 -9.11 4.01 -11.60
C GLN A 173 -8.24 2.80 -11.35
N LYS A 174 -6.95 3.04 -11.51
CA LYS A 174 -5.86 2.13 -11.23
C LYS A 174 -5.13 2.65 -10.01
N ALA A 175 -5.00 1.83 -8.98
CA ALA A 175 -4.35 2.25 -7.74
C ALA A 175 -3.86 1.02 -6.99
N ASP A 176 -3.13 1.26 -5.87
CA ASP A 176 -2.86 0.16 -4.94
C ASP A 176 -4.15 -0.41 -4.40
N GLY A 177 -5.19 0.42 -4.25
CA GLY A 177 -6.43 -0.01 -3.66
C GLY A 177 -7.28 1.17 -3.26
N LEU A 178 -8.13 0.93 -2.28
CA LEU A 178 -9.09 1.95 -1.85
C LEU A 178 -9.36 1.77 -0.37
N ILE A 179 -9.25 2.85 0.40
CA ILE A 179 -9.62 2.84 1.80
C ILE A 179 -10.96 3.53 1.99
N VAL A 180 -11.91 2.83 2.60
CA VAL A 180 -13.19 3.42 2.97
C VAL A 180 -13.22 3.49 4.48
N ALA A 181 -13.31 4.70 5.06
CA ALA A 181 -13.15 4.89 6.50
C ALA A 181 -14.30 5.65 7.16
N THR A 182 -14.65 5.22 8.37
CA THR A 182 -15.50 5.92 9.30
C THR A 182 -14.76 7.11 9.91
N PRO A 183 -15.46 8.00 10.63
CA PRO A 183 -14.72 9.02 11.38
C PRO A 183 -13.71 8.42 12.34
N THR A 184 -14.05 7.28 12.97
CA THR A 184 -13.07 6.61 13.83
C THR A 184 -11.82 6.21 13.04
N GLY A 185 -12.01 5.60 11.87
CA GLY A 185 -10.88 5.14 11.08
C GLY A 185 -10.14 6.22 10.31
N SER A 186 -10.66 7.44 10.29
CA SER A 186 -10.08 8.53 9.53
C SER A 186 -8.68 8.88 10.02
N THR A 187 -8.38 8.62 11.29
CA THR A 187 -7.04 8.86 11.83
C THR A 187 -6.12 7.65 11.68
N ALA A 188 -6.57 6.56 11.07
CA ALA A 188 -5.69 5.38 10.93
C ALA A 188 -5.08 5.24 9.52
N TYR A 189 -5.35 4.15 8.80
CA TYR A 189 -4.77 3.94 7.47
C TYR A 189 -5.10 5.09 6.53
N ALA A 190 -6.34 5.59 6.55
CA ALA A 190 -6.73 6.70 5.70
C ALA A 190 -5.85 7.94 5.91
N LEU A 191 -5.47 8.22 7.17
CA LEU A 191 -4.63 9.38 7.44
C LEU A 191 -3.23 9.22 6.83
N SER A 192 -2.64 8.03 6.97
CA SER A 192 -1.35 7.74 6.36
C SER A 192 -1.40 7.79 4.84
N ALA A 193 -2.56 7.54 4.24
CA ALA A 193 -2.72 7.61 2.79
C ALA A 193 -3.04 9.02 2.31
N GLY A 194 -3.01 10.02 3.20
CA GLY A 194 -3.32 11.39 2.82
C GLY A 194 -4.74 11.86 3.07
N GLY A 195 -5.59 11.06 3.69
CA GLY A 195 -6.94 11.48 4.00
C GLY A 195 -7.02 12.60 5.04
N PRO A 196 -8.19 13.22 5.15
CA PRO A 196 -8.42 14.20 6.21
C PRO A 196 -8.88 13.54 7.51
N ILE A 197 -8.72 14.28 8.60
CA ILE A 197 -9.31 13.89 9.87
C ILE A 197 -10.81 14.22 9.82
N MET A 198 -11.64 13.30 10.27
CA MET A 198 -13.07 13.55 10.44
C MET A 198 -13.42 13.44 11.92
N HIS A 199 -13.92 14.54 12.47
CA HIS A 199 -14.37 14.59 13.84
C HIS A 199 -15.38 13.45 14.11
N PRO A 200 -15.29 12.78 15.26
CA PRO A 200 -16.18 11.63 15.52
C PRO A 200 -17.67 11.97 15.47
N LYS A 201 -18.05 13.18 15.79
CA LYS A 201 -19.45 13.55 15.63
CA LYS A 201 -19.44 13.53 15.63
C LYS A 201 -20.07 13.71 14.12
N LEU A 202 -19.12 13.66 13.21
CA LEU A 202 -19.53 13.88 11.84
C LEU A 202 -20.16 12.61 11.28
N ASP A 203 -21.35 12.75 10.68
CA ASP A 203 -22.02 11.63 10.01
C ASP A 203 -21.54 11.57 8.55
N ALA A 204 -20.36 10.99 8.36
CA ALA A 204 -19.72 11.00 7.05
C ALA A 204 -18.78 9.81 6.92
N ILE A 205 -18.50 9.46 5.67
CA ILE A 205 -17.59 8.39 5.28
C ILE A 205 -16.58 8.98 4.31
N VAL A 206 -15.31 8.59 4.45
CA VAL A 206 -14.27 9.10 3.57
C VAL A 206 -13.73 7.96 2.72
N ILE A 207 -13.49 8.28 1.46
CA ILE A 207 -13.04 7.34 0.43
C ILE A 207 -11.68 7.82 -0.03
N VAL A 208 -10.65 7.02 0.24
CA VAL A 208 -9.28 7.44 0.01
C VAL A 208 -8.60 6.49 -0.96
N PRO A 209 -8.36 6.89 -2.21
CA PRO A 209 -7.56 6.04 -3.10
C PRO A 209 -6.15 5.86 -2.56
N MET A 210 -5.65 4.65 -2.67
CA MET A 210 -4.33 4.30 -2.19
C MET A 210 -3.34 4.44 -3.32
N TYR A 211 -2.46 5.45 -3.20
CA TYR A 211 -1.44 5.84 -4.17
C TYR A 211 -1.95 5.65 -5.59
N PRO A 212 -2.97 6.41 -5.97
CA PRO A 212 -3.56 6.23 -7.30
C PRO A 212 -2.58 6.61 -8.38
N HIS A 213 -2.66 5.87 -9.49
CA HIS A 213 -1.91 6.21 -10.69
C HIS A 213 -2.30 7.58 -11.24
N MET A 214 -3.57 7.94 -11.16
CA MET A 214 -4.04 9.24 -11.60
C MET A 214 -3.75 10.26 -10.50
N LEU A 215 -2.86 11.22 -10.79
CA LEU A 215 -2.43 12.16 -9.76
C LEU A 215 -3.54 13.09 -9.33
N SER A 216 -4.54 13.32 -10.18
CA SER A 216 -5.67 14.17 -9.81
C SER A 216 -6.70 13.45 -8.96
N SER A 217 -6.54 12.15 -8.74
CA SER A 217 -7.42 11.45 -7.81
C SER A 217 -7.26 12.05 -6.43
N ARG A 218 -8.37 12.15 -5.68
CA ARG A 218 -8.31 12.77 -4.36
C ARG A 218 -9.35 12.14 -3.48
N PRO A 219 -9.15 12.14 -2.16
CA PRO A 219 -10.20 11.67 -1.25
C PRO A 219 -11.53 12.39 -1.46
N ILE A 220 -12.63 11.66 -1.30
CA ILE A 220 -13.96 12.27 -1.29
C ILE A 220 -14.64 11.90 0.02
N VAL A 221 -15.27 12.90 0.62
CA VAL A 221 -16.09 12.72 1.81
C VAL A 221 -17.55 12.75 1.39
N VAL A 222 -18.29 11.74 1.77
CA VAL A 222 -19.70 11.62 1.43
C VAL A 222 -20.52 11.49 2.71
N ASP A 223 -21.82 11.79 2.58
CA ASP A 223 -22.75 11.62 3.69
C ASP A 223 -22.71 10.19 4.23
N GLY A 224 -22.82 10.07 5.54
CA GLY A 224 -22.72 8.79 6.23
C GLY A 224 -23.81 7.80 5.91
N ASN A 225 -24.93 8.23 5.34
CA ASN A 225 -25.97 7.29 4.98
C ASN A 225 -25.84 6.81 3.54
N SER A 226 -24.73 7.11 2.88
CA SER A 226 -24.51 6.72 1.49
C SER A 226 -24.16 5.24 1.39
N GLU A 227 -24.57 4.62 0.29
CA GLU A 227 -24.20 3.24 0.00
C GLU A 227 -23.12 3.23 -1.08
N LEU A 228 -21.97 2.64 -0.77
CA LEU A 228 -20.87 2.58 -1.69
C LEU A 228 -20.81 1.20 -2.35
N LYS A 229 -20.42 1.20 -3.60
CA LYS A 229 -20.29 0.03 -4.47
C LYS A 229 -18.88 0.09 -5.19
N ILE A 230 -18.04 -0.90 -4.94
CA ILE A 230 -16.77 -1.00 -5.62
C ILE A 230 -16.84 -2.21 -6.52
N VAL A 231 -16.64 -2.03 -7.82
CA VAL A 231 -16.63 -3.16 -8.74
C VAL A 231 -15.17 -3.49 -9.10
N VAL A 232 -14.72 -4.70 -8.73
CA VAL A 232 -13.41 -5.16 -9.13
C VAL A 232 -13.42 -5.42 -10.63
N SER A 233 -12.50 -4.81 -11.34
CA SER A 233 -12.48 -4.92 -12.80
C SER A 233 -12.49 -6.39 -13.22
N PRO A 234 -13.37 -6.77 -14.16
CA PRO A 234 -13.36 -8.16 -14.66
C PRO A 234 -12.12 -8.50 -15.46
N ASN A 235 -11.25 -7.54 -15.72
CA ASN A 235 -10.02 -7.78 -16.46
C ASN A 235 -8.81 -7.97 -15.55
N MET A 236 -9.00 -8.00 -14.23
CA MET A 236 -7.89 -8.33 -13.34
C MET A 236 -7.43 -9.76 -13.51
N GLN A 237 -6.12 -9.95 -13.40
CA GLN A 237 -5.53 -11.27 -13.43
C GLN A 237 -5.09 -11.75 -12.05
N ILE A 238 -5.34 -10.97 -11.01
CA ILE A 238 -5.09 -11.40 -9.64
C ILE A 238 -6.36 -11.23 -8.84
N TYR A 239 -6.46 -11.98 -7.75
CA TYR A 239 -7.56 -11.85 -6.83
C TYR A 239 -7.20 -10.81 -5.77
N PRO A 240 -7.84 -9.65 -5.76
CA PRO A 240 -7.60 -8.68 -4.69
C PRO A 240 -8.21 -9.17 -3.39
N GLN A 241 -7.87 -8.44 -2.33
CA GLN A 241 -8.34 -8.72 -0.99
C GLN A 241 -9.15 -7.54 -0.47
N VAL A 242 -10.20 -7.86 0.29
CA VAL A 242 -10.94 -6.87 1.06
C VAL A 242 -10.68 -7.14 2.53
N SER A 243 -10.22 -6.13 3.25
CA SER A 243 -9.89 -6.27 4.65
C SER A 243 -10.71 -5.30 5.51
N CYS A 244 -11.37 -5.83 6.51
CA CYS A 244 -12.10 -5.04 7.49
C CYS A 244 -11.24 -4.88 8.73
N ASP A 245 -10.93 -3.63 9.08
CA ASP A 245 -10.10 -3.28 10.22
C ASP A 245 -8.72 -3.96 10.19
N GLY A 246 -8.23 -4.30 9.00
CA GLY A 246 -6.97 -5.02 8.89
C GLY A 246 -6.93 -6.38 9.56
N GLN A 247 -8.09 -6.91 9.94
CA GLN A 247 -8.14 -8.10 10.80
C GLN A 247 -9.03 -9.21 10.27
N ASN A 248 -9.89 -8.94 9.30
CA ASN A 248 -10.79 -9.94 8.74
C ASN A 248 -10.77 -9.77 7.23
N HIS A 249 -10.60 -10.86 6.50
CA HIS A 249 -10.18 -10.78 5.10
C HIS A 249 -11.03 -11.65 4.21
N PHE A 250 -11.29 -11.16 2.99
CA PHE A 250 -12.01 -11.90 1.97
C PHE A 250 -11.29 -11.75 0.64
N THR A 251 -11.15 -12.86 -0.07
CA THR A 251 -10.58 -12.89 -1.41
C THR A 251 -11.66 -12.56 -2.44
N CYS A 252 -11.39 -11.56 -3.27
CA CYS A 252 -12.29 -11.14 -4.35
C CYS A 252 -11.81 -11.65 -5.70
N ALA A 253 -12.74 -12.11 -6.51
CA ALA A 253 -12.49 -12.44 -7.90
C ALA A 253 -12.67 -11.21 -8.78
N PRO A 254 -12.03 -11.19 -9.94
CA PRO A 254 -12.35 -10.18 -10.96
C PRO A 254 -13.85 -10.16 -11.22
N GLY A 255 -14.42 -8.96 -11.21
CA GLY A 255 -15.84 -8.82 -11.41
C GLY A 255 -16.67 -8.77 -10.14
N ASP A 256 -16.12 -9.22 -9.01
CA ASP A 256 -16.85 -9.17 -7.75
C ASP A 256 -17.12 -7.72 -7.34
N THR A 257 -18.23 -7.51 -6.65
CA THR A 257 -18.54 -6.20 -6.09
C THR A 257 -18.45 -6.21 -4.57
N VAL A 258 -18.10 -5.06 -4.02
CA VAL A 258 -18.07 -4.86 -2.57
C VAL A 258 -19.02 -3.72 -2.24
N THR A 259 -20.06 -4.02 -1.46
CA THR A 259 -21.04 -3.03 -1.05
C THR A 259 -20.78 -2.64 0.41
N ILE A 260 -20.69 -1.32 0.67
CA ILE A 260 -20.33 -0.82 1.99
C ILE A 260 -21.35 0.25 2.42
N SER A 261 -21.85 0.11 3.64
CA SER A 261 -22.78 1.09 4.19
C SER A 261 -22.67 1.09 5.70
N LYS A 262 -23.34 2.05 6.32
CA LYS A 262 -23.27 2.25 7.76
C LYS A 262 -24.15 1.21 8.47
N LYS A 263 -23.64 0.59 9.50
CA LYS A 263 -24.32 -0.36 10.33
C LYS A 263 -25.33 0.31 11.25
N PRO A 264 -26.54 -0.19 11.32
CA PRO A 264 -27.54 0.47 12.20
C PRO A 264 -27.14 0.50 13.67
N GLN A 265 -26.58 -0.55 14.20
CA GLN A 265 -26.21 -0.56 15.60
C GLN A 265 -24.86 0.05 15.81
N LYS A 266 -24.78 1.05 16.68
CA LYS A 266 -23.54 1.75 16.91
C LYS A 266 -22.81 1.22 18.14
N LEU A 267 -21.49 1.41 18.15
CA LEU A 267 -20.68 1.05 19.31
C LEU A 267 -20.88 2.09 20.41
N ARG A 268 -21.04 1.63 21.62
CA ARG A 268 -21.19 2.51 22.80
C ARG A 268 -19.84 2.57 23.50
N LEU A 269 -19.18 3.71 23.41
CA LEU A 269 -17.80 3.86 23.88
C LEU A 269 -17.78 4.72 25.14
N ILE A 270 -17.28 4.15 26.24
CA ILE A 270 -17.16 4.87 27.51
C ILE A 270 -15.73 5.39 27.68
N HIS A 271 -15.62 6.58 28.28
CA HIS A 271 -14.35 7.23 28.59
C HIS A 271 -14.38 7.77 30.01
N PRO A 272 -13.23 7.94 30.65
CA PRO A 272 -13.19 8.76 31.87
C PRO A 272 -13.61 10.18 31.55
N ILE A 273 -14.15 10.89 32.53
CA ILE A 273 -14.61 12.25 32.37
C ILE A 273 -13.55 13.21 31.89
N ASP A 274 -12.29 12.93 32.16
CA ASP A 274 -11.20 13.78 31.68
C ASP A 274 -10.89 13.59 30.20
N HIS A 275 -11.68 12.79 29.48
CA HIS A 275 -11.34 12.49 28.10
C HIS A 275 -11.55 13.72 27.21
N ASN A 276 -10.62 13.96 26.31
CA ASN A 276 -10.63 15.14 25.47
C ASN A 276 -10.06 14.76 24.12
N TYR A 277 -10.96 14.72 23.13
CA TYR A 277 -10.61 14.28 21.78
C TYR A 277 -9.52 15.17 21.17
N TYR A 278 -9.62 16.48 21.35
CA TYR A 278 -8.62 17.36 20.76
C TYR A 278 -7.28 17.22 21.47
N GLU A 279 -7.29 17.01 22.79
CA GLU A 279 -6.04 16.71 23.48
C GLU A 279 -5.42 15.44 22.91
N ILE A 280 -6.23 14.43 22.61
CA ILE A 280 -5.75 13.21 21.97
C ILE A 280 -5.07 13.54 20.65
N CYS A 281 -5.75 14.32 19.80
CA CYS A 281 -5.14 14.75 18.54
C CYS A 281 -3.84 15.51 18.79
N ARG A 282 -3.84 16.43 19.75
CA ARG A 282 -2.65 17.24 19.99
C ARG A 282 -1.46 16.38 20.39
N THR A 283 -1.67 15.38 21.25
CA THR A 283 -0.51 14.63 21.73
C THR A 283 -0.15 13.46 20.82
N LYS A 284 -1.13 12.80 20.21
CA LYS A 284 -0.79 11.74 19.26
C LYS A 284 -0.27 12.29 17.93
N LEU A 285 -0.72 13.46 17.50
CA LEU A 285 -0.29 14.02 16.22
C LEU A 285 0.72 15.14 16.35
N GLY A 286 0.94 15.68 17.56
CA GLY A 286 1.98 16.68 17.76
C GLY A 286 1.54 18.13 17.64
N TRP A 287 0.25 18.41 17.56
CA TRP A 287 -0.23 19.75 17.26
C TRP A 287 0.08 20.72 18.40
N GLY A 288 0.24 21.99 18.00
CA GLY A 288 0.62 23.02 18.95
C GLY A 288 -0.51 23.38 19.91
N SER A 289 -0.11 23.89 21.07
CA SER A 289 -1.05 24.23 22.11
C SER A 289 -1.14 25.76 22.25
N ARG A 290 -1.65 26.20 23.39
CA ARG A 290 -1.98 27.59 23.64
C ARG A 290 -0.79 28.53 23.42
N LEU A 291 -1.00 29.55 22.57
CA LEU A 291 -0.11 30.71 22.31
C LEU A 291 0.68 30.52 21.02
N PRO B 3 27.30 -1.27 -36.47
CA PRO B 3 26.96 -2.57 -35.90
C PRO B 3 25.51 -2.98 -36.18
N PHE B 4 24.67 -2.01 -36.56
CA PHE B 4 23.24 -2.25 -36.69
C PHE B 4 22.92 -3.21 -37.82
N ARG B 5 23.15 -4.50 -37.57
CA ARG B 5 22.80 -5.56 -38.50
C ARG B 5 21.88 -6.60 -37.89
N ASN B 6 22.11 -6.95 -36.62
CA ASN B 6 21.29 -7.94 -35.93
C ASN B 6 20.33 -7.20 -35.01
N ILE B 7 19.05 -7.18 -35.39
CA ILE B 7 18.02 -6.42 -34.69
C ILE B 7 17.11 -7.39 -33.95
N GLY B 8 16.98 -7.20 -32.65
CA GLY B 8 16.06 -7.97 -31.84
C GLY B 8 14.79 -7.19 -31.59
N ILE B 9 13.68 -7.93 -31.44
CA ILE B 9 12.38 -7.32 -31.18
C ILE B 9 11.71 -8.04 -30.01
N ILE B 10 11.29 -7.27 -29.01
CA ILE B 10 10.54 -7.74 -27.86
C ILE B 10 9.18 -7.06 -27.87
N GLY B 11 8.13 -7.82 -27.51
CA GLY B 11 6.80 -7.25 -27.37
C GLY B 11 6.17 -7.70 -26.06
N ARG B 12 5.07 -7.02 -25.72
CA ARG B 12 4.16 -7.49 -24.68
C ARG B 12 2.95 -8.08 -25.38
N LEU B 13 2.63 -9.34 -25.06
CA LEU B 13 1.58 -10.04 -25.77
C LEU B 13 0.20 -9.56 -25.32
N GLY B 14 -0.83 -10.02 -25.99
CA GLY B 14 -2.19 -9.65 -25.63
C GLY B 14 -2.74 -8.37 -26.20
N SER B 15 -2.23 -7.92 -27.32
CA SER B 15 -2.71 -6.70 -27.89
C SER B 15 -2.65 -6.83 -29.37
N THR B 16 -3.73 -6.44 -30.05
CA THR B 16 -3.86 -6.46 -31.53
C THR B 16 -2.88 -5.37 -31.83
N GLN B 17 -3.20 -4.09 -31.72
CA GLN B 17 -2.24 -3.36 -31.82
CA GLN B 17 -2.32 -3.37 -31.74
C GLN B 17 -0.50 -3.04 -31.64
N VAL B 18 -0.25 -4.04 -30.83
CA VAL B 18 1.10 -4.48 -30.53
C VAL B 18 1.65 -5.31 -31.64
N LEU B 19 0.99 -6.42 -31.89
CA LEU B 19 1.47 -7.32 -32.95
C LEU B 19 1.30 -6.70 -34.34
N ASP B 20 0.38 -5.79 -34.50
CA ASP B 20 0.28 -5.09 -35.75
C ASP B 20 1.56 -4.28 -35.87
N THR B 21 1.90 -3.48 -34.87
CA THR B 21 3.18 -2.77 -34.85
C THR B 21 4.36 -3.70 -35.09
N ILE B 22 4.26 -4.93 -34.58
CA ILE B 22 5.35 -5.91 -34.76
C ILE B 22 5.47 -6.32 -36.23
N ARG B 23 4.33 -6.61 -36.88
CA ARG B 23 4.37 -7.01 -38.28
C ARG B 23 4.88 -5.89 -39.17
N ARG B 24 4.54 -4.67 -38.82
CA ARG B 24 5.01 -3.56 -39.59
C ARG B 24 6.51 -3.36 -39.42
N LEU B 25 7.02 -3.59 -38.23
CA LEU B 25 8.44 -3.39 -37.94
C LEU B 25 9.30 -4.45 -38.63
N LYS B 26 8.89 -5.71 -38.54
CA LYS B 26 9.64 -6.78 -39.20
C LYS B 26 9.78 -6.53 -40.69
N LYS B 27 8.67 -6.23 -41.37
CA LYS B 27 8.72 -5.98 -42.79
C LYS B 27 9.58 -4.77 -43.13
N PHE B 28 9.63 -3.77 -42.23
CA PHE B 28 10.44 -2.59 -42.51
C PHE B 28 11.94 -2.90 -42.42
N LEU B 29 12.33 -3.79 -41.50
CA LEU B 29 13.75 -4.09 -41.33
C LEU B 29 14.23 -5.14 -42.32
N ILE B 30 13.38 -6.10 -42.65
CA ILE B 30 13.72 -7.11 -43.64
C ILE B 30 14.01 -6.45 -44.98
N ASP B 31 13.16 -5.50 -45.38
CA ASP B 31 13.39 -4.73 -46.61
C ASP B 31 14.61 -3.82 -46.52
N ARG B 32 15.25 -3.75 -45.35
CA ARG B 32 16.55 -3.14 -45.20
C ARG B 32 17.67 -4.18 -45.12
N HIS B 33 17.38 -5.43 -45.48
CA HIS B 33 18.36 -6.52 -45.50
C HIS B 33 19.06 -6.68 -44.15
N LEU B 34 18.31 -6.48 -43.07
CA LEU B 34 18.83 -6.68 -41.73
C LEU B 34 18.31 -7.99 -41.15
N HIS B 35 19.08 -8.57 -40.24
CA HIS B 35 18.72 -9.83 -39.61
C HIS B 35 17.88 -9.54 -38.36
N VAL B 36 16.75 -10.22 -38.27
CA VAL B 36 15.71 -9.91 -37.29
C VAL B 36 15.47 -11.14 -36.43
N ILE B 37 15.59 -10.96 -35.11
CA ILE B 37 15.47 -12.05 -34.15
C ILE B 37 14.30 -11.73 -33.24
N LEU B 38 13.27 -12.57 -33.27
CA LEU B 38 12.09 -12.42 -32.44
C LEU B 38 12.30 -13.05 -31.07
N GLU B 39 11.67 -12.45 -30.06
CA GLU B 39 11.67 -13.04 -28.72
C GLU B 39 10.92 -14.36 -28.75
N ASP B 40 11.50 -15.39 -28.15
CA ASP B 40 10.96 -16.74 -28.16
C ASP B 40 9.45 -16.75 -27.90
N THR B 41 9.01 -15.93 -26.93
CA THR B 41 7.60 -15.90 -26.56
C THR B 41 6.76 -15.09 -27.53
N ILE B 42 7.32 -14.03 -28.12
CA ILE B 42 6.55 -13.25 -29.09
C ILE B 42 6.44 -14.01 -30.40
N ALA B 43 7.41 -14.88 -30.70
CA ALA B 43 7.42 -15.61 -31.96
C ALA B 43 6.29 -16.63 -32.05
N GLU B 44 5.73 -17.04 -30.92
CA GLU B 44 4.63 -17.99 -30.90
C GLU B 44 3.28 -17.34 -31.20
N VAL B 45 3.23 -16.02 -31.37
CA VAL B 45 1.99 -15.30 -31.64
C VAL B 45 1.90 -14.83 -33.09
N LEU B 46 2.88 -15.16 -33.90
CA LEU B 46 2.85 -14.79 -35.29
C LEU B 46 3.59 -15.83 -36.11
N PRO B 47 2.85 -16.62 -36.88
CA PRO B 47 3.47 -17.71 -37.64
C PRO B 47 4.06 -17.19 -38.94
N GLY B 48 5.36 -17.39 -39.13
CA GLY B 48 6.03 -16.96 -40.34
C GLY B 48 7.52 -16.68 -40.17
N LYS B 57 16.56 -12.66 -22.80
CA LYS B 57 17.60 -13.02 -21.85
C LYS B 57 18.94 -13.27 -22.54
N ILE B 58 18.89 -13.95 -23.69
CA ILE B 58 20.07 -14.13 -24.54
C ILE B 58 20.08 -13.17 -25.71
N MET B 59 19.10 -12.27 -25.79
CA MET B 59 18.99 -11.40 -26.96
C MET B 59 20.06 -10.32 -26.96
N GLY B 60 20.43 -9.81 -25.78
CA GLY B 60 21.48 -8.81 -25.72
C GLY B 60 22.83 -9.30 -26.16
N GLU B 61 23.03 -10.60 -26.14
CA GLU B 61 24.33 -11.14 -26.52
C GLU B 61 24.58 -11.17 -28.02
N ILE B 62 23.54 -11.22 -28.83
CA ILE B 62 23.69 -11.36 -30.27
C ILE B 62 23.21 -10.16 -31.07
N CYS B 63 22.31 -9.33 -30.53
CA CYS B 63 21.79 -8.21 -31.29
C CYS B 63 22.66 -6.98 -31.06
N ASP B 64 22.84 -6.18 -32.10
CA ASP B 64 23.47 -4.88 -31.97
C ASP B 64 22.49 -3.78 -31.59
N LEU B 65 21.20 -4.07 -31.63
CA LEU B 65 20.12 -3.15 -31.29
C LEU B 65 18.88 -3.98 -30.99
N VAL B 66 18.17 -3.61 -29.94
CA VAL B 66 16.92 -4.26 -29.56
C VAL B 66 15.81 -3.23 -29.55
N VAL B 67 14.74 -3.52 -30.29
CA VAL B 67 13.56 -2.66 -30.33
C VAL B 67 12.50 -3.29 -29.44
N VAL B 68 12.01 -2.51 -28.47
CA VAL B 68 10.97 -2.94 -27.54
C VAL B 68 9.65 -2.30 -27.96
N VAL B 69 8.65 -3.12 -28.22
CA VAL B 69 7.31 -2.64 -28.56
C VAL B 69 6.38 -2.88 -27.39
N GLY B 70 5.82 -1.80 -26.88
CA GLY B 70 4.95 -1.87 -25.73
C GLY B 70 5.05 -0.58 -24.96
N GLY B 71 4.48 -0.61 -23.76
CA GLY B 71 4.52 0.54 -22.91
C GLY B 71 5.84 0.66 -22.17
N ASP B 72 5.86 1.61 -21.24
CA ASP B 72 6.98 1.74 -20.34
C ASP B 72 7.21 0.45 -19.56
N GLY B 73 6.13 -0.28 -19.25
CA GLY B 73 6.28 -1.53 -18.53
C GLY B 73 7.04 -2.59 -19.32
N SER B 74 6.77 -2.67 -20.64
CA SER B 74 7.52 -3.62 -21.44
C SER B 74 8.99 -3.26 -21.46
N MET B 75 9.31 -1.97 -21.57
CA MET B 75 10.70 -1.54 -21.55
C MET B 75 11.36 -1.87 -20.23
N LEU B 76 10.60 -1.77 -19.14
CA LEU B 76 11.15 -2.05 -17.81
C LEU B 76 11.67 -3.48 -17.74
N GLY B 77 10.84 -4.45 -18.12
CA GLY B 77 11.26 -5.83 -18.04
C GLY B 77 12.48 -6.13 -18.88
N ALA B 78 12.63 -5.45 -20.02
CA ALA B 78 13.73 -5.72 -20.93
C ALA B 78 15.03 -5.03 -20.54
N ALA B 79 14.97 -3.98 -19.71
CA ALA B 79 16.14 -3.13 -19.49
C ALA B 79 17.17 -3.84 -18.62
N ARG B 80 16.75 -4.57 -17.61
CA ARG B 80 17.71 -5.25 -16.74
C ARG B 80 18.56 -6.23 -17.53
N ALA B 81 17.93 -6.99 -18.43
CA ALA B 81 18.69 -7.94 -19.25
C ALA B 81 19.60 -7.22 -20.23
N LEU B 82 19.08 -6.17 -20.88
CA LEU B 82 19.84 -5.52 -21.94
C LEU B 82 20.94 -4.61 -21.38
N ALA B 83 20.75 -4.11 -20.16
CA ALA B 83 21.75 -3.21 -19.57
C ALA B 83 23.07 -3.94 -19.36
N ARG B 84 23.02 -5.16 -18.83
CA ARG B 84 24.28 -5.84 -18.54
C ARG B 84 25.01 -6.23 -19.82
N HIS B 85 24.30 -6.42 -20.93
CA HIS B 85 24.92 -6.80 -22.19
C HIS B 85 25.37 -5.62 -23.04
N LYS B 86 25.26 -4.41 -22.54
CA LYS B 86 25.71 -3.25 -23.30
C LYS B 86 25.08 -3.01 -24.67
N VAL B 87 23.88 -3.47 -24.85
CA VAL B 87 23.22 -3.35 -26.15
C VAL B 87 22.22 -2.21 -26.13
N PRO B 88 22.22 -1.34 -27.14
CA PRO B 88 21.29 -0.21 -27.13
C PRO B 88 19.84 -0.65 -27.32
N VAL B 89 18.93 0.12 -26.72
CA VAL B 89 17.52 -0.21 -26.66
C VAL B 89 16.70 0.95 -27.21
N LEU B 90 15.72 0.65 -28.06
CA LEU B 90 14.84 1.64 -28.66
C LEU B 90 13.39 1.26 -28.36
N GLY B 91 12.59 2.25 -27.96
CA GLY B 91 11.23 2.02 -27.54
C GLY B 91 10.22 2.56 -28.54
N ILE B 92 9.19 1.75 -28.80
CA ILE B 92 8.02 2.16 -29.57
C ILE B 92 6.80 2.00 -28.66
N ASN B 93 6.05 3.09 -28.47
CA ASN B 93 4.95 3.07 -27.51
C ASN B 93 3.71 2.48 -28.18
N ARG B 94 2.57 2.51 -27.48
CA ARG B 94 1.32 2.01 -28.04
C ARG B 94 0.45 3.11 -28.62
N GLY B 95 0.93 4.35 -28.66
CA GLY B 95 0.20 5.42 -29.29
C GLY B 95 0.46 6.77 -28.66
N SER B 96 0.80 6.78 -27.38
CA SER B 96 1.12 8.00 -26.67
C SER B 96 2.50 7.86 -26.02
N LEU B 97 3.19 9.00 -25.92
CA LEU B 97 4.54 9.00 -25.37
C LEU B 97 4.56 8.32 -24.01
N GLY B 98 5.64 7.58 -23.77
CA GLY B 98 5.92 7.07 -22.45
C GLY B 98 7.26 7.61 -22.02
N PHE B 99 7.59 7.54 -20.75
CA PHE B 99 8.89 8.05 -20.32
C PHE B 99 10.03 7.27 -20.94
N LEU B 100 9.81 6.00 -21.29
CA LEU B 100 10.84 5.17 -21.88
C LEU B 100 10.57 4.78 -23.33
N THR B 101 9.40 5.09 -23.88
CA THR B 101 9.05 4.69 -25.25
C THR B 101 8.55 5.92 -26.01
N ASP B 102 9.38 6.43 -26.91
CA ASP B 102 9.17 7.72 -27.55
C ASP B 102 8.58 7.63 -28.94
N ILE B 103 8.59 6.47 -29.59
CA ILE B 103 8.24 6.36 -31.00
C ILE B 103 6.79 5.94 -31.11
N ARG B 104 5.97 6.75 -31.78
CA ARG B 104 4.58 6.37 -31.97
C ARG B 104 4.46 5.28 -33.04
N PRO B 105 3.48 4.39 -32.90
CA PRO B 105 3.36 3.30 -33.88
C PRO B 105 3.16 3.77 -35.31
N ASP B 106 2.43 4.85 -35.53
CA ASP B 106 2.16 5.26 -36.91
C ASP B 106 3.33 5.97 -37.55
N GLU B 107 4.29 6.47 -36.77
CA GLU B 107 5.52 7.04 -37.29
C GLU B 107 6.69 6.05 -37.19
N LEU B 108 6.38 4.76 -37.17
CA LEU B 108 7.39 3.72 -36.99
C LEU B 108 8.44 3.77 -38.09
N GLU B 109 8.01 3.78 -39.35
CA GLU B 109 8.95 3.68 -40.46
C GLU B 109 9.88 4.89 -40.47
N ALA B 110 9.35 6.09 -40.28
CA ALA B 110 10.18 7.29 -40.28
C ALA B 110 11.21 7.25 -39.15
N LYS B 111 10.73 7.03 -37.94
CA LYS B 111 11.56 7.04 -36.75
C LYS B 111 12.62 5.98 -36.71
N VAL B 112 12.20 4.76 -36.88
CA VAL B 112 13.13 3.62 -36.81
C VAL B 112 14.15 3.70 -37.93
N GLY B 113 13.72 4.08 -39.13
CA GLY B 113 14.66 4.30 -40.22
C GLY B 113 15.62 5.44 -39.96
N GLU B 114 15.15 6.47 -39.25
CA GLU B 114 16.03 7.56 -38.83
C GLU B 114 17.15 7.06 -37.93
N VAL B 115 16.82 6.19 -36.96
CA VAL B 115 17.81 5.68 -36.03
C VAL B 115 18.80 4.78 -36.75
N LEU B 116 18.29 3.85 -37.57
CA LEU B 116 19.16 2.93 -38.27
C LEU B 116 20.11 3.66 -39.21
N ASP B 117 19.68 4.81 -39.73
CA ASP B 117 20.54 5.60 -40.60
C ASP B 117 21.59 6.39 -39.84
N GLY B 118 21.35 6.64 -38.54
CA GLY B 118 22.37 7.26 -37.70
C GLY B 118 21.94 8.51 -36.97
N GLN B 119 20.67 8.89 -37.08
CA GLN B 119 20.14 10.10 -36.42
C GLN B 119 19.40 9.66 -35.16
N TYR B 120 20.08 9.72 -34.02
CA TYR B 120 19.48 9.31 -32.75
C TYR B 120 20.29 9.88 -31.59
N ILE B 121 19.62 10.01 -30.45
CA ILE B 121 20.26 10.47 -29.24
C ILE B 121 20.37 9.32 -28.26
N VAL B 122 21.45 9.33 -27.54
CA VAL B 122 21.73 8.27 -26.57
C VAL B 122 21.59 8.85 -25.16
N GLU B 123 20.86 8.12 -24.31
CA GLU B 123 20.56 8.53 -22.95
C GLU B 123 20.88 7.37 -22.01
N SER B 124 22.02 7.44 -21.32
CA SER B 124 22.29 6.51 -20.23
C SER B 124 21.26 6.68 -19.11
N ARG B 125 20.72 5.56 -18.61
CA ARG B 125 19.91 5.53 -17.40
C ARG B 125 20.57 4.58 -16.42
N PHE B 126 20.64 4.96 -15.14
CA PHE B 126 21.27 4.03 -14.21
C PHE B 126 20.23 3.18 -13.51
N LEU B 127 20.66 1.98 -13.12
CA LEU B 127 19.86 1.00 -12.40
C LEU B 127 20.39 0.86 -10.98
N LEU B 128 19.59 0.25 -10.13
CA LEU B 128 19.93 -0.04 -8.75
C LEU B 128 20.21 -1.51 -8.57
N ASP B 129 21.09 -1.81 -7.62
CA ASP B 129 21.36 -3.16 -7.16
C ASP B 129 20.77 -3.34 -5.76
N ALA B 130 19.89 -4.32 -5.61
CA ALA B 130 19.34 -4.67 -4.32
C ALA B 130 19.94 -6.00 -3.88
N GLN B 131 20.42 -6.05 -2.65
CA GLN B 131 21.05 -7.24 -2.10
C GLN B 131 20.48 -7.49 -0.70
N VAL B 132 19.76 -8.59 -0.54
CA VAL B 132 19.27 -8.99 0.77
C VAL B 132 20.32 -9.85 1.45
N ARG B 133 20.55 -9.60 2.75
CA ARG B 133 21.56 -10.34 3.50
C ARG B 133 21.02 -10.68 4.88
N ARG B 134 21.42 -11.85 5.37
CA ARG B 134 21.26 -12.28 6.74
C ARG B 134 22.67 -12.45 7.29
N GLY B 135 23.12 -11.49 8.10
CA GLY B 135 24.54 -11.41 8.43
C GLY B 135 25.31 -11.06 7.17
N ILE B 136 26.36 -11.84 6.86
CA ILE B 136 27.05 -11.63 5.58
C ILE B 136 26.54 -12.54 4.47
N ASP B 137 25.58 -13.42 4.75
CA ASP B 137 25.10 -14.38 3.75
C ASP B 137 24.10 -13.71 2.81
N SER B 138 24.35 -13.81 1.52
CA SER B 138 23.40 -13.29 0.54
C SER B 138 22.12 -14.09 0.57
N MET B 139 20.99 -13.38 0.59
CA MET B 139 19.68 -14.00 0.57
C MET B 139 18.87 -13.54 -0.64
N GLY B 140 19.54 -13.23 -1.75
CA GLY B 140 18.85 -12.69 -2.90
C GLY B 140 19.43 -11.39 -3.40
N GLN B 141 19.57 -11.27 -4.72
CA GLN B 141 20.07 -10.08 -5.37
C GLN B 141 19.21 -9.81 -6.61
N GLY B 142 18.81 -8.56 -6.82
CA GLY B 142 18.09 -8.18 -8.02
C GLY B 142 18.41 -6.77 -8.47
N ASP B 143 18.41 -6.56 -9.78
CA ASP B 143 18.56 -5.23 -10.38
C ASP B 143 17.20 -4.55 -10.50
N ALA B 144 17.21 -3.23 -10.68
CA ALA B 144 15.96 -2.47 -10.83
C ALA B 144 16.22 -1.17 -11.59
N LEU B 145 15.48 -0.97 -12.68
CA LEU B 145 15.55 0.29 -13.42
C LEU B 145 14.68 1.36 -12.76
N ASN B 146 13.53 0.97 -12.21
CA ASN B 146 12.60 1.90 -11.55
C ASN B 146 12.86 2.00 -10.06
N ASP B 147 12.71 0.87 -9.34
CA ASP B 147 12.62 0.97 -7.89
C ASP B 147 12.88 -0.36 -7.20
N VAL B 148 13.37 -0.25 -5.99
CA VAL B 148 13.46 -1.34 -5.02
C VAL B 148 12.45 -0.99 -3.94
N VAL B 149 11.48 -1.86 -3.70
CA VAL B 149 10.35 -1.56 -2.82
C VAL B 149 10.32 -2.60 -1.71
N LEU B 150 10.45 -2.15 -0.46
CA LEU B 150 10.19 -2.95 0.73
C LEU B 150 8.72 -2.81 1.13
N HIS B 151 8.03 -3.93 1.35
CA HIS B 151 6.60 -3.88 1.61
C HIS B 151 6.20 -5.13 2.41
N PRO B 152 4.97 -5.16 2.96
CA PRO B 152 4.62 -6.25 3.88
C PRO B 152 4.25 -7.56 3.20
N GLY B 153 4.26 -7.64 1.88
CA GLY B 153 3.86 -8.88 1.22
C GLY B 153 2.38 -9.14 1.43
N LYS B 154 2.06 -10.29 2.02
CA LYS B 154 0.65 -10.65 2.21
C LYS B 154 0.08 -10.17 3.54
N SER B 155 0.94 -9.80 4.50
CA SER B 155 0.47 -9.24 5.76
C SER B 155 -0.27 -7.93 5.51
N THR B 156 -1.31 -7.68 6.31
CA THR B 156 -2.00 -6.39 6.25
C THR B 156 -1.62 -5.49 7.40
N ARG B 157 -0.47 -5.73 8.02
CA ARG B 157 -0.05 -4.92 9.14
C ARG B 157 1.13 -4.05 8.75
N MET B 158 1.34 -3.00 9.50
CA MET B 158 2.51 -2.16 9.25
CA MET B 158 2.50 -2.15 9.29
C MET B 158 3.78 -2.91 9.62
N ILE B 159 4.85 -2.58 8.93
CA ILE B 159 6.14 -3.15 9.22
C ILE B 159 7.03 -2.07 9.84
N GLU B 160 8.21 -2.48 10.28
CA GLU B 160 9.10 -1.58 11.03
C GLU B 160 10.52 -1.79 10.54
N PHE B 161 11.25 -0.69 10.31
CA PHE B 161 12.61 -0.83 9.76
C PHE B 161 13.46 0.40 10.06
N GLU B 162 14.78 0.22 9.94
CA GLU B 162 15.75 1.29 10.09
C GLU B 162 16.41 1.58 8.75
N LEU B 163 16.80 2.85 8.55
CA LEU B 163 17.43 3.30 7.32
C LEU B 163 18.79 3.89 7.63
N TYR B 164 19.80 3.42 6.89
CA TYR B 164 21.15 3.94 6.95
C TYR B 164 21.56 4.41 5.55
N ILE B 165 22.25 5.53 5.47
CA ILE B 165 22.80 6.02 4.22
C ILE B 165 24.29 6.25 4.42
N ASP B 166 25.11 5.54 3.65
CA ASP B 166 26.57 5.59 3.76
C ASP B 166 27.03 5.33 5.19
N GLY B 167 26.38 4.36 5.83
CA GLY B 167 26.74 3.94 7.18
C GLY B 167 26.18 4.79 8.29
N GLN B 168 25.53 5.89 7.97
CA GLN B 168 25.00 6.79 8.97
C GLN B 168 23.52 6.50 9.21
N PHE B 169 23.15 6.39 10.48
CA PHE B 169 21.76 6.16 10.85
C PHE B 169 20.91 7.36 10.46
N VAL B 170 19.82 7.11 9.75
CA VAL B 170 18.88 8.17 9.38
C VAL B 170 17.73 8.16 10.35
N CYS B 171 16.96 7.07 10.38
CA CYS B 171 15.80 6.98 11.26
C CYS B 171 15.24 5.56 11.22
N SER B 172 14.42 5.25 12.21
CA SER B 172 13.52 4.12 12.15
C SER B 172 12.12 4.63 11.83
N GLN B 173 11.27 3.74 11.33
CA GLN B 173 9.88 4.14 11.19
C GLN B 173 8.97 2.93 11.04
N LYS B 174 7.71 3.17 11.32
CA LYS B 174 6.61 2.26 11.10
C LYS B 174 5.87 2.75 9.86
N ALA B 175 5.65 1.85 8.90
CA ALA B 175 5.03 2.19 7.62
C ALA B 175 4.66 0.89 6.92
N ASP B 176 3.98 1.03 5.78
CA ASP B 176 3.81 -0.14 4.90
C ASP B 176 5.14 -0.60 4.33
N GLY B 177 6.09 0.31 4.16
CA GLY B 177 7.36 -0.02 3.52
C GLY B 177 8.08 1.22 3.03
N LEU B 178 8.90 1.02 2.00
CA LEU B 178 9.76 2.08 1.47
C LEU B 178 9.94 1.90 -0.03
N ILE B 179 9.87 3.01 -0.76
CA ILE B 179 10.15 3.04 -2.19
C ILE B 179 11.49 3.73 -2.39
N VAL B 180 12.44 3.01 -3.00
CA VAL B 180 13.73 3.60 -3.36
C VAL B 180 13.77 3.64 -4.88
N ALA B 181 13.84 4.84 -5.46
CA ALA B 181 13.68 5.00 -6.90
C ALA B 181 14.85 5.72 -7.56
N THR B 182 15.17 5.28 -8.77
CA THR B 182 16.05 6.00 -9.67
C THR B 182 15.31 7.21 -10.26
N PRO B 183 16.01 8.09 -11.00
CA PRO B 183 15.29 9.10 -11.79
C PRO B 183 14.25 8.51 -12.74
N THR B 184 14.56 7.38 -13.40
CA THR B 184 13.58 6.70 -14.22
C THR B 184 12.35 6.31 -13.40
N GLY B 185 12.57 5.71 -12.22
CA GLY B 185 11.46 5.30 -11.38
C GLY B 185 10.75 6.44 -10.66
N SER B 186 11.28 7.67 -10.71
CA SER B 186 10.67 8.78 -9.99
C SER B 186 9.27 9.13 -10.49
N THR B 187 8.96 8.79 -11.75
CA THR B 187 7.63 9.01 -12.31
C THR B 187 6.71 7.80 -12.18
N ALA B 188 7.16 6.71 -11.56
CA ALA B 188 6.31 5.52 -11.43
C ALA B 188 5.70 5.40 -10.02
N TYR B 189 5.96 4.32 -9.29
CA TYR B 189 5.39 4.17 -7.95
C TYR B 189 5.69 5.38 -7.05
N ALA B 190 6.95 5.83 -7.04
CA ALA B 190 7.36 6.92 -6.16
C ALA B 190 6.51 8.17 -6.37
N LEU B 191 6.14 8.47 -7.61
CA LEU B 191 5.33 9.64 -7.91
C LEU B 191 3.93 9.51 -7.32
N SER B 192 3.29 8.35 -7.50
CA SER B 192 1.98 8.08 -6.90
C SER B 192 2.01 8.17 -5.38
N ALA B 193 3.15 7.80 -4.78
CA ALA B 193 3.30 7.84 -3.34
C ALA B 193 3.64 9.23 -2.81
N GLY B 194 3.72 10.25 -3.68
CA GLY B 194 4.02 11.60 -3.24
C GLY B 194 5.43 12.08 -3.50
N GLY B 195 6.26 11.31 -4.21
CA GLY B 195 7.63 11.73 -4.43
C GLY B 195 7.77 12.76 -5.54
N PRO B 196 8.92 13.43 -5.61
CA PRO B 196 9.16 14.40 -6.70
C PRO B 196 9.59 13.72 -7.99
N ILE B 197 9.36 14.42 -9.09
CA ILE B 197 9.96 14.02 -10.36
C ILE B 197 11.42 14.41 -10.34
N MET B 198 12.28 13.53 -10.83
CA MET B 198 13.72 13.76 -10.93
C MET B 198 14.11 13.67 -12.40
N HIS B 199 14.75 14.70 -12.90
CA HIS B 199 15.14 14.71 -14.31
C HIS B 199 16.01 13.49 -14.63
N PRO B 200 15.81 12.85 -15.79
CA PRO B 200 16.57 11.64 -16.13
C PRO B 200 18.08 11.78 -16.06
N LYS B 201 18.62 12.96 -16.23
CA LYS B 201 20.07 13.16 -16.17
C LYS B 201 20.57 13.46 -14.76
N LEU B 202 19.69 13.51 -13.77
CA LEU B 202 20.09 13.82 -12.41
C LEU B 202 20.77 12.63 -11.75
N ASP B 203 21.93 12.85 -11.14
CA ASP B 203 22.63 11.76 -10.46
C ASP B 203 22.14 11.72 -9.00
N ALA B 204 20.92 11.17 -8.82
CA ALA B 204 20.27 11.18 -7.52
C ALA B 204 19.35 9.98 -7.37
N ILE B 205 19.09 9.62 -6.13
CA ILE B 205 18.17 8.55 -5.74
C ILE B 205 17.15 9.14 -4.78
N VAL B 206 15.87 8.80 -4.94
CA VAL B 206 14.84 9.27 -4.03
C VAL B 206 14.34 8.11 -3.17
N ILE B 207 14.09 8.42 -1.90
CA ILE B 207 13.61 7.47 -0.89
C ILE B 207 12.25 7.93 -0.42
N VAL B 208 11.22 7.12 -0.69
CA VAL B 208 9.83 7.53 -0.47
C VAL B 208 9.15 6.57 0.50
N PRO B 209 8.77 7.02 1.68
CA PRO B 209 8.06 6.12 2.61
C PRO B 209 6.67 5.79 2.09
N MET B 210 6.25 4.54 2.26
CA MET B 210 4.93 4.06 1.85
C MET B 210 3.98 4.07 3.03
N TYR B 211 2.93 4.89 2.95
CA TYR B 211 1.89 4.97 3.97
C TYR B 211 2.49 5.05 5.38
N PRO B 212 3.31 6.05 5.66
CA PRO B 212 4.00 6.10 6.95
C PRO B 212 3.05 6.42 8.10
N HIS B 213 3.32 5.80 9.23
CA HIS B 213 2.65 6.13 10.49
C HIS B 213 2.93 7.58 10.91
N MET B 214 4.19 8.00 10.77
CA MET B 214 4.57 9.34 11.22
C MET B 214 4.22 10.34 10.13
N LEU B 215 3.40 11.34 10.48
CA LEU B 215 2.93 12.28 9.48
C LEU B 215 4.05 13.17 8.95
N SER B 216 5.08 13.45 9.75
CA SER B 216 6.22 14.25 9.29
C SER B 216 7.23 13.46 8.45
N SER B 217 6.94 12.20 8.16
CA SER B 217 7.74 11.48 7.18
C SER B 217 7.66 12.19 5.84
N ARG B 218 8.79 12.32 5.16
CA ARG B 218 8.84 13.02 3.89
C ARG B 218 9.90 12.37 3.03
N PRO B 219 9.76 12.41 1.72
CA PRO B 219 10.79 11.83 0.86
C PRO B 219 12.13 12.56 1.00
N ILE B 220 13.20 11.81 0.79
CA ILE B 220 14.57 12.32 0.81
C ILE B 220 15.23 12.01 -0.52
N VAL B 221 15.93 13.00 -1.06
CA VAL B 221 16.73 12.83 -2.27
C VAL B 221 18.19 12.85 -1.84
N VAL B 222 18.93 11.82 -2.23
CA VAL B 222 20.33 11.65 -1.86
C VAL B 222 21.17 11.51 -3.13
N ASP B 223 22.48 11.68 -2.95
CA ASP B 223 23.41 11.55 -4.07
C ASP B 223 23.28 10.19 -4.72
N GLY B 224 23.40 10.17 -6.05
CA GLY B 224 23.23 8.93 -6.77
C GLY B 224 24.27 7.88 -6.42
N ASN B 225 25.44 8.30 -5.94
CA ASN B 225 26.48 7.35 -5.57
C ASN B 225 26.39 6.89 -4.11
N SER B 226 25.30 7.22 -3.42
CA SER B 226 25.09 6.84 -2.03
C SER B 226 24.70 5.37 -1.93
N GLU B 227 25.11 4.74 -0.84
CA GLU B 227 24.72 3.37 -0.53
C GLU B 227 23.67 3.35 0.59
N LEU B 228 22.55 2.71 0.31
CA LEU B 228 21.43 2.61 1.24
C LEU B 228 21.41 1.25 1.92
N LYS B 229 21.09 1.24 3.21
CA LYS B 229 20.94 -0.01 3.94
C LYS B 229 19.67 0.04 4.78
N ILE B 230 18.78 -0.89 4.53
CA ILE B 230 17.55 -1.03 5.30
C ILE B 230 17.71 -2.23 6.21
N VAL B 231 17.49 -2.04 7.50
CA VAL B 231 17.49 -3.14 8.45
C VAL B 231 16.04 -3.42 8.81
N VAL B 232 15.56 -4.61 8.48
CA VAL B 232 14.21 -5.01 8.88
C VAL B 232 14.21 -5.27 10.38
N SER B 233 13.21 -4.72 11.06
CA SER B 233 13.20 -4.75 12.52
C SER B 233 13.27 -6.19 13.05
N PRO B 234 14.18 -6.48 13.98
CA PRO B 234 14.26 -7.84 14.54
C PRO B 234 13.08 -8.18 15.45
N ASN B 235 12.30 -7.19 15.87
CA ASN B 235 11.14 -7.42 16.73
C ASN B 235 9.86 -7.68 15.96
N MET B 236 9.93 -7.77 14.63
CA MET B 236 8.75 -8.09 13.85
C MET B 236 8.44 -9.58 13.89
N GLN B 237 7.17 -9.89 13.69
CA GLN B 237 6.68 -11.25 13.63
C GLN B 237 6.38 -11.72 12.22
N ILE B 238 6.41 -10.83 11.23
CA ILE B 238 6.08 -11.19 9.86
C ILE B 238 7.31 -10.96 8.98
N TYR B 239 7.32 -11.66 7.85
CA TYR B 239 8.41 -11.63 6.89
C TYR B 239 8.05 -10.70 5.74
N PRO B 240 8.57 -9.47 5.70
CA PRO B 240 8.25 -8.59 4.57
C PRO B 240 8.91 -9.05 3.27
N GLN B 241 8.60 -8.34 2.19
CA GLN B 241 9.11 -8.63 0.87
C GLN B 241 9.87 -7.43 0.30
N VAL B 242 10.81 -7.72 -0.59
CA VAL B 242 11.52 -6.72 -1.37
C VAL B 242 11.21 -7.00 -2.82
N SER B 243 10.82 -5.96 -3.57
CA SER B 243 10.48 -6.13 -4.98
C SER B 243 11.31 -5.19 -5.84
N CYS B 244 11.90 -5.73 -6.89
CA CYS B 244 12.62 -4.96 -7.89
C CYS B 244 11.75 -4.80 -9.13
N ASP B 245 11.48 -3.55 -9.52
CA ASP B 245 10.63 -3.24 -10.68
C ASP B 245 9.31 -4.01 -10.66
N GLY B 246 8.84 -4.34 -9.46
CA GLY B 246 7.64 -5.14 -9.29
C GLY B 246 7.64 -6.50 -9.93
N GLN B 247 8.82 -7.07 -10.27
CA GLN B 247 8.95 -8.31 -11.04
C GLN B 247 9.80 -9.39 -10.38
N ASN B 248 10.80 -9.02 -9.58
CA ASN B 248 11.65 -9.97 -8.89
C ASN B 248 11.49 -9.74 -7.40
N HIS B 249 11.22 -10.82 -6.66
CA HIS B 249 10.75 -10.73 -5.29
C HIS B 249 11.61 -11.58 -4.35
N PHE B 250 11.81 -11.08 -3.14
CA PHE B 250 12.60 -11.75 -2.12
C PHE B 250 11.92 -11.59 -0.78
N THR B 251 11.86 -12.66 -0.01
CA THR B 251 11.31 -12.65 1.33
C THR B 251 12.42 -12.32 2.32
N CYS B 252 12.13 -11.44 3.27
CA CYS B 252 13.06 -11.01 4.30
C CYS B 252 12.58 -11.45 5.67
N ALA B 253 13.45 -11.90 6.43
CA ALA B 253 13.22 -12.25 7.82
C ALA B 253 13.52 -11.05 8.71
N PRO B 254 12.88 -10.99 9.88
CA PRO B 254 13.22 -9.96 10.87
C PRO B 254 14.72 -9.94 11.13
N GLY B 255 15.32 -8.76 11.02
CA GLY B 255 16.74 -8.61 11.20
C GLY B 255 17.56 -8.65 9.94
N ASP B 256 16.99 -9.07 8.80
CA ASP B 256 17.71 -9.05 7.53
C ASP B 256 17.98 -7.61 7.07
N THR B 257 19.03 -7.45 6.27
CA THR B 257 19.40 -6.16 5.70
C THR B 257 19.19 -6.18 4.19
N VAL B 258 18.85 -5.00 3.65
CA VAL B 258 18.68 -4.79 2.22
C VAL B 258 19.62 -3.65 1.84
N THR B 259 20.60 -3.95 0.99
CA THR B 259 21.59 -2.96 0.60
C THR B 259 21.35 -2.58 -0.85
N ILE B 260 21.34 -1.27 -1.12
CA ILE B 260 20.89 -0.70 -2.38
C ILE B 260 21.88 0.36 -2.82
N SER B 261 22.39 0.24 -4.04
CA SER B 261 23.26 1.24 -4.63
C SER B 261 23.16 1.16 -6.14
N LYS B 262 23.86 2.08 -6.81
CA LYS B 262 23.78 2.22 -8.26
C LYS B 262 24.70 1.22 -8.96
N LYS B 263 24.17 0.48 -9.94
CA LYS B 263 24.99 -0.45 -10.70
C LYS B 263 25.97 0.32 -11.60
N PRO B 264 27.17 -0.21 -11.79
CA PRO B 264 28.11 0.43 -12.73
C PRO B 264 27.61 0.47 -14.18
N GLN B 265 26.98 -0.59 -14.66
CA GLN B 265 26.61 -0.64 -16.07
C GLN B 265 25.21 -0.02 -16.25
N LYS B 266 25.18 1.09 -16.93
CA LYS B 266 23.97 1.74 -17.16
C LYS B 266 23.28 1.33 -18.46
N LEU B 267 22.01 1.60 -18.59
CA LEU B 267 21.23 1.18 -19.75
C LEU B 267 21.42 2.20 -20.88
N ARG B 268 21.73 1.70 -22.07
CA ARG B 268 21.92 2.58 -23.22
C ARG B 268 20.58 2.71 -23.94
N LEU B 269 19.84 3.76 -23.60
CA LEU B 269 18.51 4.00 -24.15
C LEU B 269 18.62 4.93 -25.35
N ILE B 270 18.00 4.54 -26.47
CA ILE B 270 17.99 5.34 -27.70
C ILE B 270 16.64 6.03 -27.87
N HIS B 271 16.70 7.27 -28.34
CA HIS B 271 15.56 8.08 -28.73
C HIS B 271 15.80 8.72 -30.09
N PRO B 272 14.73 9.00 -30.84
CA PRO B 272 14.88 9.80 -32.05
C PRO B 272 15.48 11.16 -31.69
N ILE B 273 15.97 11.86 -32.71
CA ILE B 273 16.64 13.13 -32.45
C ILE B 273 15.70 14.21 -31.92
N ASP B 274 14.40 14.11 -32.19
CA ASP B 274 13.44 15.11 -31.73
C ASP B 274 12.91 14.84 -30.32
N HIS B 275 13.53 13.91 -29.60
CA HIS B 275 13.07 13.55 -28.27
C HIS B 275 13.09 14.75 -27.34
N ASN B 276 12.02 14.90 -26.56
CA ASN B 276 11.88 16.03 -25.65
C ASN B 276 11.28 15.55 -24.34
N TYR B 277 12.10 15.52 -23.28
CA TYR B 277 11.67 14.96 -22.01
C TYR B 277 10.48 15.73 -21.42
N TYR B 278 10.51 17.06 -21.49
CA TYR B 278 9.42 17.86 -20.92
C TYR B 278 8.14 17.74 -21.72
N GLU B 279 8.23 17.57 -23.05
CA GLU B 279 7.04 17.26 -23.83
C GLU B 279 6.35 16.01 -23.30
N ILE B 280 7.15 15.00 -22.96
CA ILE B 280 6.63 13.76 -22.38
C ILE B 280 5.92 14.03 -21.06
N CYS B 281 6.52 14.86 -20.21
CA CYS B 281 5.86 15.21 -18.94
C CYS B 281 4.54 15.91 -19.16
N ARG B 282 4.49 16.84 -20.12
CA ARG B 282 3.26 17.57 -20.41
C ARG B 282 2.15 16.64 -20.91
N THR B 283 2.48 15.71 -21.82
CA THR B 283 1.39 14.91 -22.37
C THR B 283 0.98 13.79 -21.41
N LYS B 284 1.92 13.21 -20.69
CA LYS B 284 1.55 12.14 -19.77
C LYS B 284 0.86 12.68 -18.53
N LEU B 285 1.35 13.78 -17.97
CA LEU B 285 0.82 14.31 -16.73
C LEU B 285 -0.20 15.42 -16.95
N GLY B 286 -0.42 15.85 -18.19
CA GLY B 286 -1.42 16.87 -18.45
C GLY B 286 -1.02 18.30 -18.11
N TRP B 287 0.26 18.58 -17.94
CA TRP B 287 0.71 19.93 -17.61
C TRP B 287 0.40 20.90 -18.75
N GLY B 288 0.26 22.18 -18.39
CA GLY B 288 -0.12 23.19 -19.37
C GLY B 288 0.92 23.37 -20.46
N SER B 289 0.44 23.67 -21.67
CA SER B 289 1.29 23.98 -22.80
C SER B 289 1.55 25.49 -22.86
N ARG B 290 2.23 25.95 -23.91
CA ARG B 290 2.57 27.37 -24.00
C ARG B 290 1.30 28.23 -23.94
N LEU B 291 1.40 29.38 -23.28
CA LEU B 291 0.25 30.26 -23.12
C LEU B 291 -0.19 30.85 -24.47
N GLY B 292 -1.48 31.19 -24.55
CA GLY B 292 -2.06 31.82 -25.73
C GLY B 292 -2.41 33.27 -25.49
N GLY B 293 -3.45 33.78 -26.15
CA GLY B 293 -3.84 35.18 -26.01
C GLY B 293 -4.96 35.47 -25.03
#